data_5Z3N
#
_entry.id   5Z3N
#
_cell.length_a   107.947
_cell.length_b   107.947
_cell.length_c   90.121
_cell.angle_alpha   90.00
_cell.angle_beta   90.00
_cell.angle_gamma   120.00
#
_symmetry.space_group_name_H-M   'P 31 2 1'
#
loop_
_entity.id
_entity.type
_entity.pdbx_description
1 polymer 'DNA polymerase I, thermostable'
2 polymer "DNA (5'-D(*GP*AP*CP*CP*AP*CP*GP*GP*CP*GP*CP*(DOC))-3')"
3 polymer "DNA (5'-D(*AP*AP*AP*CP*GP*GP*CP*GP*CP*CP*GP*(5FC)P*GP*GP*TP*C)-3')"
4 non-polymer 'MAGNESIUM ION'
5 non-polymer "2'-DEOXYGUANOSINE-5'-TRIPHOSPHATE"
6 non-polymer GLYCEROL
7 water water
#
loop_
_entity_poly.entity_id
_entity_poly.type
_entity_poly.pdbx_seq_one_letter_code
_entity_poly.pdbx_strand_id
1 'polypeptide(L)'
;LEEAPWPPPEGAFVGFVLSRKEPMWADLLALAAARGGRVHRAPEPYKALRDLKEARGLLAKDLSVLALREGLGLPPGDDP
MLLAYLLDPSNTTPEGVARRYGGEWTEEAGERAALSERLFANLWGRLEGEERLLWLYREVERPLSAVLAHMEATGVRLDV
AYLRALSLEVAEEIARLEAEVFRLAGHPFNLNSRDQLERVLFDELGLPAIGKTEKTGKRSTSAAVLEALREAHPIVEKIL
QYRELTKLKSTYIDPLPDLIHPRTGRLHTRFNQTATATGRLSSSDPNLQNIPVRTPLGQRIRRAFIAEEGWLLVALDYSQ
IELRVLAHLSGDENLIRVFQEGRDIHTETASWMFGVPREAVDPLMRRAAKTINFGVLYGMSAHRLSQELAIPYEEAQAFI
ERYFQSFPKVRAWIEKTLEEGRRRGYVETLFGRRRYVPDLEARVKSVREAAERMAFNMPVQGTAADLMKLAMVKLFPRLE
EMGARMLLQVHDELVLEAPKERAEAVARLAKEVMEGVYPLAVPLEVEVGIGEDWLSAKE
;
A
2 'polydeoxyribonucleotide' (DG)(DA)(DC)(DC)(DA)(DC)(DG)(DG)(DC)(DG)(DC)(DOC) B
3 'polydeoxyribonucleotide' (DA)(DA)(DA)(DC)(DG)(DG)(DC)(DG)(DC)(DC)(DG)(5FC)(DG)(DG)(DT)(DC) C
#
loop_
_chem_comp.id
_chem_comp.type
_chem_comp.name
_chem_comp.formula
5FC DNA linking 5-FORMYL-2'-DEOXY-CYTIDINE-5'-MONOPHOSPHATE 'C10 H14 N3 O8 P'
DA DNA linking 2'-DEOXYADENOSINE-5'-MONOPHOSPHATE 'C10 H14 N5 O6 P'
DC DNA linking 2'-DEOXYCYTIDINE-5'-MONOPHOSPHATE 'C9 H14 N3 O7 P'
DG DNA linking 2'-DEOXYGUANOSINE-5'-MONOPHOSPHATE 'C10 H14 N5 O7 P'
DGT non-polymer 2'-DEOXYGUANOSINE-5'-TRIPHOSPHATE 'C10 H16 N5 O13 P3'
DOC DNA linking 2',3'-DIDEOXYCYTIDINE-5'-MONOPHOSPHATE 'C9 H14 N3 O6 P'
DT DNA linking THYMIDINE-5'-MONOPHOSPHATE 'C10 H15 N2 O8 P'
GOL non-polymer GLYCEROL 'C3 H8 O3'
MG non-polymer 'MAGNESIUM ION' 'Mg 2'
#
# COMPACT_ATOMS: atom_id res chain seq x y z
N LEU A 1 10.47 -31.59 -22.41
CA LEU A 1 11.05 -32.18 -21.18
C LEU A 1 10.68 -33.64 -21.03
N GLU A 2 11.58 -34.39 -20.40
CA GLU A 2 11.37 -35.81 -20.17
C GLU A 2 10.41 -35.96 -19.00
N GLU A 3 9.43 -36.84 -19.16
CA GLU A 3 8.42 -37.05 -18.13
C GLU A 3 8.97 -38.03 -17.09
N ALA A 4 9.19 -37.52 -15.88
CA ALA A 4 9.79 -38.30 -14.80
C ALA A 4 8.80 -38.41 -13.66
N PRO A 5 8.80 -39.55 -12.94
CA PRO A 5 7.84 -39.68 -11.88
C PRO A 5 8.04 -38.69 -10.72
N TRP A 6 6.94 -38.42 -10.04
CA TRP A 6 6.95 -37.56 -8.90
C TRP A 6 7.57 -38.21 -7.67
N PRO A 7 8.76 -37.74 -7.32
CA PRO A 7 9.00 -36.53 -6.57
C PRO A 7 10.19 -35.88 -7.31
N PRO A 8 10.28 -34.54 -7.33
CA PRO A 8 11.46 -33.93 -7.98
C PRO A 8 12.67 -33.90 -7.06
N PRO A 9 13.89 -33.75 -7.62
CA PRO A 9 15.07 -33.54 -6.76
C PRO A 9 15.08 -32.19 -6.06
N GLU A 10 16.04 -32.02 -5.14
CA GLU A 10 16.26 -30.74 -4.45
C GLU A 10 16.58 -29.64 -5.46
N GLY A 11 16.01 -28.45 -5.24
CA GLY A 11 16.30 -27.27 -6.08
C GLY A 11 15.44 -27.12 -7.33
N ALA A 12 14.43 -28.00 -7.52
CA ALA A 12 13.58 -27.97 -8.70
C ALA A 12 12.62 -26.79 -8.64
N PHE A 13 12.17 -26.40 -9.83
CA PHE A 13 11.28 -25.28 -9.96
C PHE A 13 9.85 -25.76 -9.93
N VAL A 14 9.00 -25.11 -9.16
CA VAL A 14 7.62 -25.53 -9.00
C VAL A 14 6.71 -24.81 -9.99
N GLY A 15 5.66 -25.51 -10.38
CA GLY A 15 4.50 -24.90 -10.99
C GLY A 15 3.25 -25.42 -10.30
N PHE A 16 2.21 -24.62 -10.27
CA PHE A 16 0.99 -24.99 -9.58
C PHE A 16 -0.15 -24.17 -10.13
N VAL A 17 -1.34 -24.75 -10.06
CA VAL A 17 -2.56 -24.11 -10.51
C VAL A 17 -3.54 -24.08 -9.32
N LEU A 18 -4.07 -22.89 -9.05
CA LEU A 18 -5.07 -22.67 -8.03
C LEU A 18 -6.44 -22.51 -8.69
N SER A 19 -7.48 -22.89 -7.97
CA SER A 19 -8.87 -22.74 -8.43
C SER A 19 -9.28 -21.26 -8.42
N ARG A 20 -8.58 -20.45 -7.65
CA ARG A 20 -8.84 -19.02 -7.60
C ARG A 20 -7.57 -18.31 -7.09
N LYS A 21 -7.48 -17.00 -7.34
CA LYS A 21 -6.23 -16.25 -7.15
C LYS A 21 -5.75 -16.19 -5.70
N GLU A 22 -6.68 -16.22 -4.75
CA GLU A 22 -6.37 -16.02 -3.33
C GLU A 22 -5.86 -17.32 -2.66
N PRO A 23 -4.56 -17.39 -2.29
CA PRO A 23 -4.03 -18.70 -1.82
C PRO A 23 -4.66 -19.22 -0.51
N MET A 24 -5.19 -18.31 0.33
CA MET A 24 -5.90 -18.75 1.54
C MET A 24 -7.26 -19.36 1.25
N TRP A 25 -7.86 -19.05 0.08
CA TRP A 25 -9.19 -19.60 -0.30
C TRP A 25 -9.13 -20.67 -1.41
N ALA A 26 -7.95 -20.88 -1.98
CA ALA A 26 -7.82 -21.70 -3.19
C ALA A 26 -7.74 -23.20 -2.97
N ASP A 27 -8.33 -23.95 -3.90
CA ASP A 27 -8.10 -25.38 -4.01
C ASP A 27 -6.86 -25.52 -4.89
N LEU A 28 -5.86 -26.24 -4.39
CA LEU A 28 -4.69 -26.60 -5.20
C LEU A 28 -5.08 -27.71 -6.20
N LEU A 29 -5.28 -27.33 -7.47
CA LEU A 29 -5.75 -28.22 -8.51
C LEU A 29 -4.65 -29.08 -9.11
N ALA A 30 -3.41 -28.59 -9.14
CA ALA A 30 -2.30 -29.33 -9.77
C ALA A 30 -0.96 -28.79 -9.31
N LEU A 31 0.05 -29.66 -9.36
CA LEU A 31 1.39 -29.36 -8.87
C LEU A 31 2.39 -30.15 -9.67
N ALA A 32 3.46 -29.47 -10.09
CA ALA A 32 4.51 -30.09 -10.86
C ALA A 32 5.85 -29.40 -10.57
N ALA A 33 6.91 -29.98 -11.09
CA ALA A 33 8.24 -29.42 -10.87
C ALA A 33 9.15 -29.71 -12.02
N ALA A 34 10.17 -28.86 -12.17
CA ALA A 34 11.06 -28.94 -13.33
C ALA A 34 12.51 -28.71 -12.94
N ARG A 35 13.36 -29.62 -13.42
CA ARG A 35 14.82 -29.55 -13.23
C ARG A 35 15.52 -30.55 -14.11
N GLY A 36 16.75 -30.21 -14.52
CA GLY A 36 17.63 -31.12 -15.28
C GLY A 36 17.04 -31.77 -16.52
N GLY A 37 16.20 -31.04 -17.26
CA GLY A 37 15.52 -31.55 -18.45
C GLY A 37 14.38 -32.52 -18.20
N ARG A 38 13.89 -32.58 -16.97
CA ARG A 38 12.75 -33.43 -16.61
C ARG A 38 11.63 -32.53 -16.10
N VAL A 39 10.41 -33.07 -16.20
CA VAL A 39 9.23 -32.52 -15.54
C VAL A 39 8.63 -33.63 -14.70
N HIS A 40 8.12 -33.29 -13.53
CA HIS A 40 7.53 -34.26 -12.60
C HIS A 40 6.13 -33.77 -12.23
N ARG A 41 5.10 -34.54 -12.55
CA ARG A 41 3.73 -34.14 -12.25
C ARG A 41 3.18 -34.91 -11.04
N ALA A 42 2.68 -34.16 -10.06
CA ALA A 42 2.19 -34.73 -8.81
C ALA A 42 0.90 -35.50 -9.06
N PRO A 43 0.85 -36.79 -8.70
CA PRO A 43 -0.42 -37.49 -8.91
C PRO A 43 -1.54 -36.90 -8.04
N GLU A 44 -1.26 -36.61 -6.76
CA GLU A 44 -2.21 -35.88 -5.91
C GLU A 44 -1.48 -34.68 -5.26
N PRO A 45 -1.89 -33.46 -5.58
CA PRO A 45 -1.00 -32.33 -5.25
C PRO A 45 -0.82 -31.95 -3.74
N TYR A 46 -1.88 -32.07 -2.93
CA TYR A 46 -1.79 -31.74 -1.50
C TYR A 46 -0.75 -32.65 -0.82
N LYS A 47 -0.87 -33.95 -1.04
CA LYS A 47 0.11 -34.90 -0.53
C LYS A 47 1.53 -34.61 -1.07
N ALA A 48 1.60 -34.38 -2.36
CA ALA A 48 2.86 -34.02 -3.03
C ALA A 48 3.53 -32.77 -2.46
N LEU A 49 2.75 -31.81 -1.95
CA LEU A 49 3.32 -30.62 -1.26
C LEU A 49 4.30 -30.94 -0.15
N ARG A 50 4.02 -32.04 0.56
CA ARG A 50 4.88 -32.54 1.65
C ARG A 50 6.31 -32.82 1.20
N ASP A 51 6.51 -33.14 -0.08
CA ASP A 51 7.85 -33.48 -0.60
C ASP A 51 8.80 -32.33 -0.85
N LEU A 52 8.29 -31.10 -0.93
CA LEU A 52 9.13 -29.95 -1.29
C LEU A 52 9.79 -29.32 -0.07
N LYS A 53 11.06 -28.96 -0.19
CA LYS A 53 11.76 -28.22 0.88
C LYS A 53 11.56 -26.71 0.76
N GLU A 54 11.29 -26.21 -0.45
CA GLU A 54 10.95 -24.80 -0.68
C GLU A 54 10.11 -24.66 -1.93
N ALA A 55 9.37 -23.56 -2.03
CA ALA A 55 8.68 -23.18 -3.25
C ALA A 55 9.62 -22.24 -4.03
N ARG A 56 10.14 -22.74 -5.14
CA ARG A 56 11.02 -22.01 -6.04
C ARG A 56 10.35 -21.89 -7.43
N GLY A 57 9.99 -20.68 -7.84
CA GLY A 57 9.30 -20.47 -9.12
C GLY A 57 8.35 -19.30 -9.11
N LEU A 58 7.63 -19.15 -10.22
CA LEU A 58 6.67 -18.08 -10.35
C LEU A 58 5.63 -18.13 -9.22
N LEU A 59 5.39 -16.98 -8.62
CA LEU A 59 4.42 -16.81 -7.54
C LEU A 59 4.68 -17.74 -6.35
N ALA A 60 5.96 -17.92 -6.03
CA ALA A 60 6.40 -18.79 -4.94
C ALA A 60 5.67 -18.51 -3.60
N LYS A 61 5.56 -17.22 -3.24
CA LYS A 61 4.87 -16.85 -2.02
C LYS A 61 3.44 -17.39 -1.94
N ASP A 62 2.66 -17.34 -3.03
CA ASP A 62 1.31 -17.85 -3.02
C ASP A 62 1.22 -19.34 -2.69
N LEU A 63 2.08 -20.16 -3.29
CA LEU A 63 2.13 -21.56 -2.92
C LEU A 63 2.54 -21.75 -1.45
N SER A 64 3.54 -20.98 -0.99
CA SER A 64 3.97 -21.02 0.40
CA SER A 64 3.98 -21.03 0.40
C SER A 64 2.86 -20.66 1.39
N VAL A 65 2.03 -19.67 1.06
CA VAL A 65 0.87 -19.34 1.90
C VAL A 65 -0.12 -20.52 2.01
N LEU A 66 -0.44 -21.15 0.87
CA LEU A 66 -1.32 -22.31 0.86
C LEU A 66 -0.69 -23.45 1.63
N ALA A 67 0.62 -23.66 1.50
CA ALA A 67 1.31 -24.65 2.32
C ALA A 67 1.17 -24.37 3.84
N LEU A 68 1.47 -23.14 4.23
CA LEU A 68 1.32 -22.70 5.63
C LEU A 68 -0.12 -22.93 6.11
N ARG A 69 -1.10 -22.60 5.28
CA ARG A 69 -2.47 -22.89 5.56
C ARG A 69 -2.69 -24.37 5.87
N GLU A 70 -2.04 -25.25 5.12
CA GLU A 70 -2.15 -26.70 5.35
C GLU A 70 -1.21 -27.29 6.42
N GLY A 71 -0.56 -26.44 7.21
CA GLY A 71 0.26 -26.90 8.31
C GLY A 71 1.68 -27.22 7.92
N LEU A 72 2.11 -26.79 6.73
CA LEU A 72 3.41 -27.17 6.21
C LEU A 72 4.31 -25.95 6.11
N GLY A 73 5.52 -26.07 6.64
CA GLY A 73 6.44 -24.94 6.66
C GLY A 73 7.28 -24.99 5.43
N LEU A 74 6.74 -24.50 4.31
CA LEU A 74 7.41 -24.50 3.01
C LEU A 74 7.76 -23.05 2.67
N PRO A 75 9.03 -22.67 2.78
CA PRO A 75 9.31 -21.26 2.52
C PRO A 75 9.44 -20.95 1.03
N PRO A 76 9.10 -19.73 0.62
CA PRO A 76 9.32 -19.36 -0.76
C PRO A 76 10.78 -19.00 -0.93
N GLY A 77 11.34 -19.35 -2.07
CA GLY A 77 12.74 -19.01 -2.41
C GLY A 77 12.74 -18.20 -3.69
N ASP A 78 13.54 -18.59 -4.67
CA ASP A 78 13.64 -17.83 -5.92
C ASP A 78 12.28 -17.72 -6.64
N ASP A 79 12.01 -16.50 -7.13
CA ASP A 79 10.82 -16.24 -7.92
C ASP A 79 11.18 -15.29 -9.06
N PRO A 80 11.06 -15.76 -10.32
CA PRO A 80 11.32 -14.91 -11.48
C PRO A 80 10.54 -13.58 -11.49
N MET A 81 9.34 -13.55 -10.95
CA MET A 81 8.58 -12.29 -10.81
C MET A 81 9.37 -11.20 -10.05
N LEU A 82 10.08 -11.58 -8.99
CA LEU A 82 10.86 -10.60 -8.23
C LEU A 82 12.06 -10.08 -9.03
N LEU A 83 12.67 -10.94 -9.83
CA LEU A 83 13.78 -10.51 -10.68
C LEU A 83 13.28 -9.54 -11.71
N ALA A 84 12.18 -9.89 -12.37
CA ALA A 84 11.58 -9.02 -13.42
C ALA A 84 11.12 -7.68 -12.88
N TYR A 85 10.53 -7.70 -11.68
CA TYR A 85 10.02 -6.49 -11.03
C TYR A 85 11.13 -5.56 -10.63
N LEU A 86 12.26 -6.11 -10.26
CA LEU A 86 13.44 -5.28 -10.01
C LEU A 86 14.07 -4.72 -11.29
N LEU A 87 14.03 -5.51 -12.38
CA LEU A 87 14.51 -5.02 -13.66
C LEU A 87 13.67 -3.84 -14.13
N ASP A 88 12.35 -3.95 -13.93
CA ASP A 88 11.38 -2.97 -14.41
C ASP A 88 10.06 -3.23 -13.68
N PRO A 89 9.63 -2.29 -12.82
CA PRO A 89 8.46 -2.55 -11.98
C PRO A 89 7.13 -2.52 -12.74
N SER A 90 7.14 -2.22 -14.03
CA SER A 90 5.96 -2.47 -14.87
C SER A 90 5.77 -3.97 -15.13
N ASN A 91 6.74 -4.78 -14.72
CA ASN A 91 6.62 -6.23 -14.75
C ASN A 91 5.85 -6.67 -13.55
N THR A 92 4.53 -6.81 -13.70
CA THR A 92 3.65 -7.06 -12.57
C THR A 92 2.87 -8.37 -12.61
N THR A 93 2.75 -8.99 -13.79
CA THR A 93 1.94 -10.22 -13.94
C THR A 93 2.76 -11.31 -14.59
N PRO A 94 2.43 -12.57 -14.27
CA PRO A 94 3.17 -13.68 -14.88
C PRO A 94 2.87 -13.80 -16.38
N GLU A 95 1.70 -13.32 -16.79
CA GLU A 95 1.36 -13.23 -18.21
C GLU A 95 2.33 -12.35 -18.98
N GLY A 96 2.54 -11.15 -18.46
CA GLY A 96 3.45 -10.18 -19.08
C GLY A 96 4.91 -10.60 -19.01
N VAL A 97 5.31 -11.04 -17.81
CA VAL A 97 6.69 -11.43 -17.59
C VAL A 97 7.06 -12.59 -18.53
N ALA A 98 6.17 -13.58 -18.63
CA ALA A 98 6.39 -14.74 -19.52
C ALA A 98 6.56 -14.25 -20.97
N ARG A 99 5.65 -13.41 -21.43
CA ARG A 99 5.70 -12.93 -22.77
C ARG A 99 6.98 -12.16 -23.07
N ARG A 100 7.44 -11.39 -22.10
CA ARG A 100 8.61 -10.57 -22.27
C ARG A 100 9.94 -11.35 -22.21
N TYR A 101 10.00 -12.40 -21.37
CA TYR A 101 11.29 -13.03 -21.05
C TYR A 101 11.39 -14.49 -21.42
N GLY A 102 10.39 -15.05 -22.09
CA GLY A 102 10.61 -16.26 -22.89
C GLY A 102 9.64 -17.43 -22.77
N GLY A 103 8.35 -17.15 -22.57
CA GLY A 103 7.35 -18.20 -22.65
C GLY A 103 5.94 -17.70 -22.60
N GLU A 104 5.04 -18.56 -22.15
CA GLU A 104 3.63 -18.24 -22.04
C GLU A 104 3.14 -18.79 -20.73
N TRP A 105 2.45 -17.95 -19.96
CA TRP A 105 1.73 -18.38 -18.77
C TRP A 105 0.45 -19.13 -19.17
N THR A 106 0.46 -20.45 -19.02
CA THR A 106 -0.67 -21.30 -19.38
C THR A 106 -1.43 -21.68 -18.12
N GLU A 107 -2.38 -22.59 -18.21
CA GLU A 107 -3.09 -23.07 -17.03
C GLU A 107 -2.72 -24.52 -16.69
N GLU A 108 -1.50 -24.94 -17.00
CA GLU A 108 -1.06 -26.32 -16.74
C GLU A 108 0.18 -26.27 -15.85
N ALA A 109 0.16 -26.98 -14.73
CA ALA A 109 1.22 -26.88 -13.70
C ALA A 109 2.60 -27.24 -14.22
N GLY A 110 2.68 -28.32 -14.99
CA GLY A 110 3.92 -28.74 -15.67
C GLY A 110 4.54 -27.68 -16.55
N GLU A 111 3.68 -27.05 -17.34
CA GLU A 111 4.10 -25.94 -18.20
C GLU A 111 4.53 -24.77 -17.36
N ARG A 112 3.82 -24.49 -16.27
CA ARG A 112 4.22 -23.45 -15.32
C ARG A 112 5.55 -23.76 -14.63
N ALA A 113 5.83 -25.02 -14.30
CA ALA A 113 7.10 -25.39 -13.68
C ALA A 113 8.26 -25.16 -14.66
N ALA A 114 8.07 -25.66 -15.88
CA ALA A 114 9.06 -25.52 -16.95
C ALA A 114 9.32 -24.04 -17.28
N LEU A 115 8.24 -23.27 -17.35
CA LEU A 115 8.32 -21.83 -17.57
C LEU A 115 9.13 -21.15 -16.47
N SER A 116 8.80 -21.44 -15.22
CA SER A 116 9.57 -20.92 -14.08
C SER A 116 11.07 -21.14 -14.24
N GLU A 117 11.46 -22.36 -14.58
CA GLU A 117 12.88 -22.71 -14.75
C GLU A 117 13.53 -21.85 -15.83
N ARG A 118 12.88 -21.78 -16.97
CA ARG A 118 13.47 -21.11 -18.13
C ARG A 118 13.47 -19.58 -17.90
N LEU A 119 12.40 -19.04 -17.32
CA LEU A 119 12.36 -17.62 -16.99
C LEU A 119 13.41 -17.24 -15.95
N PHE A 120 13.61 -18.08 -14.95
CA PHE A 120 14.65 -17.78 -13.97
C PHE A 120 16.02 -17.66 -14.63
N ALA A 121 16.36 -18.60 -15.50
CA ALA A 121 17.68 -18.58 -16.14
C ALA A 121 17.88 -17.30 -16.94
N ASN A 122 16.89 -16.90 -17.73
CA ASN A 122 17.03 -15.69 -18.55
C ASN A 122 17.14 -14.45 -17.69
N LEU A 123 16.21 -14.31 -16.76
CA LEU A 123 16.18 -13.14 -15.87
C LEU A 123 17.40 -13.05 -14.96
N TRP A 124 17.88 -14.19 -14.48
CA TRP A 124 19.09 -14.19 -13.70
C TRP A 124 20.21 -13.61 -14.60
N GLY A 125 20.27 -14.07 -15.84
CA GLY A 125 21.22 -13.52 -16.82
C GLY A 125 21.12 -12.01 -17.05
N ARG A 126 19.91 -11.48 -17.11
CA ARG A 126 19.71 -10.02 -17.26
C ARG A 126 20.25 -9.21 -16.07
N LEU A 127 20.18 -9.80 -14.88
CA LEU A 127 20.66 -9.15 -13.67
C LEU A 127 22.16 -9.36 -13.39
N GLU A 128 22.87 -10.10 -14.23
CA GLU A 128 24.30 -10.30 -14.00
C GLU A 128 24.99 -8.97 -14.34
N GLY A 129 25.83 -8.50 -13.43
CA GLY A 129 26.39 -7.15 -13.52
C GLY A 129 25.53 -6.06 -12.89
N GLU A 130 24.27 -6.34 -12.55
CA GLU A 130 23.45 -5.34 -11.89
C GLU A 130 23.57 -5.53 -10.38
N GLU A 131 24.68 -5.07 -9.80
CA GLU A 131 25.02 -5.37 -8.40
C GLU A 131 23.99 -4.83 -7.40
N ARG A 132 23.47 -3.64 -7.66
CA ARG A 132 22.58 -3.01 -6.70
C ARG A 132 21.20 -3.66 -6.75
N LEU A 133 20.73 -4.00 -7.94
CA LEU A 133 19.48 -4.74 -8.09
C LEU A 133 19.60 -6.15 -7.48
N LEU A 134 20.76 -6.79 -7.69
CA LEU A 134 21.00 -8.10 -7.05
C LEU A 134 21.03 -8.00 -5.55
N TRP A 135 21.59 -6.91 -5.02
CA TRP A 135 21.57 -6.68 -3.58
C TRP A 135 20.12 -6.55 -3.09
N LEU A 136 19.30 -5.77 -3.81
CA LEU A 136 17.88 -5.71 -3.49
C LEU A 136 17.19 -7.09 -3.51
N TYR A 137 17.56 -7.94 -4.47
CA TYR A 137 16.91 -9.25 -4.58
C TYR A 137 17.28 -10.15 -3.41
N ARG A 138 18.58 -10.24 -3.13
CA ARG A 138 19.05 -11.13 -2.09
C ARG A 138 18.82 -10.64 -0.68
N GLU A 139 18.93 -9.33 -0.45
CA GLU A 139 18.83 -8.78 0.90
C GLU A 139 17.45 -8.28 1.27
N VAL A 140 16.63 -7.93 0.29
CA VAL A 140 15.29 -7.40 0.56
C VAL A 140 14.18 -8.30 0.02
N GLU A 141 14.06 -8.40 -1.31
CA GLU A 141 12.84 -8.99 -1.91
C GLU A 141 12.67 -10.47 -1.66
N ARG A 142 13.73 -11.25 -1.92
CA ARG A 142 13.64 -12.71 -1.71
C ARG A 142 13.31 -13.08 -0.24
N PRO A 143 14.08 -12.55 0.72
CA PRO A 143 13.72 -12.82 2.12
C PRO A 143 12.37 -12.19 2.55
N LEU A 144 12.04 -11.03 2.02
CA LEU A 144 10.73 -10.44 2.31
C LEU A 144 9.57 -11.33 1.88
N SER A 145 9.71 -12.08 0.79
CA SER A 145 8.62 -12.97 0.34
C SER A 145 8.21 -14.00 1.39
N ALA A 146 9.19 -14.56 2.08
CA ALA A 146 8.96 -15.48 3.18
C ALA A 146 8.21 -14.84 4.34
N VAL A 147 8.55 -13.59 4.63
CA VAL A 147 7.91 -12.84 5.68
C VAL A 147 6.44 -12.60 5.34
N LEU A 148 6.22 -12.19 4.09
CA LEU A 148 4.90 -11.92 3.61
C LEU A 148 4.01 -13.15 3.67
N ALA A 149 4.57 -14.33 3.39
CA ALA A 149 3.78 -15.57 3.38
C ALA A 149 3.26 -15.86 4.78
N HIS A 150 4.13 -15.67 5.77
CA HIS A 150 3.68 -15.82 7.15
C HIS A 150 2.62 -14.82 7.58
N MET A 151 2.79 -13.57 7.19
CA MET A 151 1.81 -12.55 7.50
C MET A 151 0.44 -12.94 6.90
N GLU A 152 0.44 -13.33 5.63
CA GLU A 152 -0.81 -13.70 4.95
C GLU A 152 -1.51 -14.88 5.62
N ALA A 153 -0.73 -15.89 6.00
CA ALA A 153 -1.24 -17.11 6.60
C ALA A 153 -1.76 -16.89 8.01
N THR A 154 -1.18 -15.91 8.72
CA THR A 154 -1.56 -15.60 10.10
C THR A 154 -2.90 -14.90 10.17
N GLY A 155 -3.10 -13.87 9.35
CA GLY A 155 -4.34 -13.09 9.36
C GLY A 155 -4.52 -12.24 10.61
N VAL A 156 -5.66 -11.55 10.71
CA VAL A 156 -5.89 -10.62 11.79
C VAL A 156 -7.31 -10.88 12.31
N ARG A 157 -7.48 -10.79 13.63
CA ARG A 157 -8.78 -11.01 14.25
C ARG A 157 -9.71 -9.81 14.06
N LEU A 158 -10.98 -10.11 13.79
CA LEU A 158 -12.01 -9.08 13.55
C LEU A 158 -13.23 -9.32 14.41
N ASP A 159 -13.76 -8.23 14.99
CA ASP A 159 -14.95 -8.33 15.80
C ASP A 159 -16.16 -8.31 14.86
N VAL A 160 -16.55 -9.49 14.43
CA VAL A 160 -17.62 -9.67 13.44
C VAL A 160 -18.99 -9.17 13.93
N ALA A 161 -19.37 -9.56 15.14
CA ALA A 161 -20.66 -9.17 15.71
C ALA A 161 -20.78 -7.63 15.82
N TYR A 162 -19.70 -6.97 16.21
CA TYR A 162 -19.66 -5.50 16.32
C TYR A 162 -19.97 -4.84 14.97
N LEU A 163 -19.35 -5.36 13.92
CA LEU A 163 -19.58 -4.86 12.57
C LEU A 163 -20.99 -5.10 12.05
N ARG A 164 -21.53 -6.27 12.36
CA ARG A 164 -22.91 -6.57 12.01
C ARG A 164 -23.91 -5.62 12.69
N ALA A 165 -23.73 -5.39 13.99
CA ALA A 165 -24.54 -4.41 14.68
C ALA A 165 -24.40 -3.01 14.09
N LEU A 166 -23.16 -2.60 13.80
CA LEU A 166 -22.89 -1.27 13.23
C LEU A 166 -23.64 -1.07 11.89
N SER A 167 -23.67 -2.12 11.09
CA SER A 167 -24.36 -2.08 9.82
C SER A 167 -25.83 -1.67 9.97
N LEU A 168 -26.54 -2.31 10.91
CA LEU A 168 -27.96 -2.00 11.14
C LEU A 168 -28.20 -0.53 11.53
N GLU A 169 -27.32 0.05 12.34
CA GLU A 169 -27.45 1.47 12.76
C GLU A 169 -27.16 2.38 11.58
N VAL A 170 -26.09 2.06 10.85
CA VAL A 170 -25.66 2.90 9.72
C VAL A 170 -26.73 2.93 8.61
N ALA A 171 -27.32 1.78 8.33
CA ALA A 171 -28.45 1.70 7.40
C ALA A 171 -29.59 2.69 7.73
N GLU A 172 -29.99 2.76 9.00
CA GLU A 172 -31.02 3.72 9.40
C GLU A 172 -30.61 5.18 9.13
N GLU A 173 -29.34 5.53 9.35
CA GLU A 173 -28.91 6.91 9.16
C GLU A 173 -28.81 7.24 7.70
N ILE A 174 -28.35 6.26 6.92
CA ILE A 174 -28.33 6.41 5.46
C ILE A 174 -29.74 6.74 4.95
N ALA A 175 -30.74 6.00 5.44
CA ALA A 175 -32.15 6.26 5.03
C ALA A 175 -32.59 7.69 5.33
N ARG A 176 -32.21 8.20 6.50
CA ARG A 176 -32.61 9.56 6.90
C ARG A 176 -31.98 10.57 5.89
N LEU A 177 -30.71 10.38 5.55
CA LEU A 177 -30.02 11.25 4.61
C LEU A 177 -30.60 11.16 3.20
N GLU A 178 -30.89 9.95 2.74
CA GLU A 178 -31.36 9.80 1.36
C GLU A 178 -32.79 10.31 1.18
N ALA A 179 -33.60 10.19 2.24
CA ALA A 179 -34.95 10.69 2.22
C ALA A 179 -34.96 12.22 2.14
N GLU A 180 -34.07 12.86 2.90
CA GLU A 180 -33.95 14.32 2.88
C GLU A 180 -33.43 14.82 1.52
N VAL A 181 -32.47 14.11 0.97
CA VAL A 181 -31.97 14.41 -0.39
C VAL A 181 -33.14 14.37 -1.38
N PHE A 182 -33.93 13.30 -1.37
CA PHE A 182 -35.04 13.18 -2.30
C PHE A 182 -36.09 14.24 -2.06
N ARG A 183 -36.36 14.57 -0.80
CA ARG A 183 -37.29 15.66 -0.53
C ARG A 183 -36.77 16.94 -1.21
N LEU A 184 -35.49 17.25 -1.01
CA LEU A 184 -34.89 18.49 -1.53
C LEU A 184 -34.78 18.51 -3.05
N ALA A 185 -34.60 17.34 -3.66
CA ALA A 185 -34.61 17.24 -5.14
C ALA A 185 -36.01 17.40 -5.71
N GLY A 186 -37.04 17.16 -4.90
CA GLY A 186 -38.41 17.16 -5.35
C GLY A 186 -38.84 15.80 -5.90
N HIS A 187 -37.95 14.80 -5.85
CA HIS A 187 -38.27 13.45 -6.33
C HIS A 187 -37.15 12.45 -6.02
N PRO A 188 -37.48 11.15 -5.97
CA PRO A 188 -36.44 10.15 -5.76
C PRO A 188 -35.67 9.86 -7.03
N PHE A 189 -34.46 9.34 -6.86
CA PHE A 189 -33.61 8.88 -7.94
C PHE A 189 -32.55 8.00 -7.32
N ASN A 190 -31.68 7.41 -8.14
CA ASN A 190 -30.58 6.65 -7.59
C ASN A 190 -29.44 7.56 -7.17
N LEU A 191 -29.40 7.88 -5.88
CA LEU A 191 -28.33 8.69 -5.28
C LEU A 191 -26.92 8.07 -5.41
N ASN A 192 -26.80 6.76 -5.63
CA ASN A 192 -25.52 6.14 -5.91
C ASN A 192 -25.00 6.39 -7.31
N SER A 193 -25.88 6.80 -8.23
CA SER A 193 -25.49 7.12 -9.61
C SER A 193 -25.05 8.57 -9.73
N ARG A 194 -23.76 8.76 -9.98
CA ARG A 194 -23.22 10.08 -10.21
C ARG A 194 -23.77 10.77 -11.47
N ASP A 195 -24.12 10.01 -12.52
CA ASP A 195 -24.77 10.60 -13.71
C ASP A 195 -26.15 11.15 -13.32
N GLN A 196 -26.89 10.41 -12.50
CA GLN A 196 -28.23 10.90 -12.09
C GLN A 196 -28.10 12.10 -11.18
N LEU A 197 -27.14 12.06 -10.27
CA LEU A 197 -26.91 13.19 -9.38
C LEU A 197 -26.48 14.47 -10.15
N GLU A 198 -25.68 14.29 -11.20
CA GLU A 198 -25.18 15.40 -12.02
C GLU A 198 -26.35 16.21 -12.58
N ARG A 199 -27.28 15.50 -13.20
CA ARG A 199 -28.48 16.12 -13.76
C ARG A 199 -29.26 16.85 -12.68
N VAL A 200 -29.48 16.19 -11.54
CA VAL A 200 -30.21 16.84 -10.45
C VAL A 200 -29.53 18.14 -9.97
N LEU A 201 -28.23 18.12 -9.74
CA LEU A 201 -27.54 19.29 -9.16
C LEU A 201 -27.38 20.45 -10.14
N PHE A 202 -27.00 20.14 -11.37
CA PHE A 202 -26.57 21.18 -12.33
C PHE A 202 -27.65 21.57 -13.31
N ASP A 203 -28.47 20.59 -13.73
CA ASP A 203 -29.64 20.87 -14.54
C ASP A 203 -30.86 21.25 -13.71
N GLU A 204 -31.36 20.35 -12.88
CA GLU A 204 -32.64 20.58 -12.20
C GLU A 204 -32.52 21.66 -11.15
N LEU A 205 -31.55 21.50 -10.26
CA LEU A 205 -31.25 22.58 -9.33
C LEU A 205 -30.42 23.59 -10.13
N GLY A 206 -30.08 24.71 -9.51
CA GLY A 206 -29.43 25.78 -10.27
C GLY A 206 -27.92 25.71 -10.31
N LEU A 207 -27.32 24.69 -9.73
CA LEU A 207 -25.99 24.86 -9.16
C LEU A 207 -24.89 24.94 -10.21
N PRO A 208 -23.86 25.78 -9.95
CA PRO A 208 -22.82 25.93 -10.96
C PRO A 208 -21.94 24.69 -10.99
N ALA A 209 -21.69 24.16 -12.18
CA ALA A 209 -20.67 23.12 -12.35
C ALA A 209 -19.27 23.69 -12.03
N ILE A 210 -18.57 23.08 -11.10
CA ILE A 210 -17.25 23.55 -10.66
C ILE A 210 -16.16 23.03 -11.61
N GLY A 211 -16.12 21.71 -11.82
CA GLY A 211 -15.14 21.10 -12.72
C GLY A 211 -15.71 19.97 -13.54
N LYS A 212 -14.82 19.34 -14.32
CA LYS A 212 -15.17 18.29 -15.26
C LYS A 212 -14.37 17.03 -14.96
N THR A 213 -14.89 15.89 -15.38
CA THR A 213 -14.23 14.60 -15.12
C THR A 213 -13.21 14.29 -16.21
N GLU A 214 -12.29 13.40 -15.92
CA GLU A 214 -11.07 13.33 -16.73
C GLU A 214 -11.28 12.74 -18.12
N LYS A 215 -11.82 11.53 -18.15
CA LYS A 215 -11.94 10.76 -19.37
C LYS A 215 -13.08 11.16 -20.27
N THR A 216 -14.27 11.38 -19.69
CA THR A 216 -15.47 11.65 -20.47
C THR A 216 -16.02 13.07 -20.26
N GLY A 217 -15.33 13.89 -19.47
CA GLY A 217 -15.71 15.30 -19.36
C GLY A 217 -17.12 15.59 -18.89
N LYS A 218 -17.63 14.79 -17.96
CA LYS A 218 -18.92 15.11 -17.34
C LYS A 218 -18.71 16.17 -16.27
N ARG A 219 -19.79 16.81 -15.85
CA ARG A 219 -19.72 17.75 -14.72
C ARG A 219 -19.54 16.93 -13.46
N SER A 220 -18.41 17.14 -12.80
CA SER A 220 -18.04 16.36 -11.63
C SER A 220 -18.95 16.61 -10.41
N THR A 221 -19.19 15.52 -9.68
CA THR A 221 -19.87 15.54 -8.40
C THR A 221 -18.94 15.11 -7.27
N SER A 222 -17.62 15.28 -7.44
CA SER A 222 -16.66 14.86 -6.44
C SER A 222 -16.84 15.64 -5.15
N ALA A 223 -16.23 15.13 -4.11
CA ALA A 223 -16.32 15.70 -2.79
C ALA A 223 -15.74 17.10 -2.77
N ALA A 224 -14.64 17.33 -3.52
CA ALA A 224 -14.03 18.67 -3.65
C ALA A 224 -14.97 19.71 -4.28
N VAL A 225 -15.66 19.29 -5.34
CA VAL A 225 -16.69 20.11 -5.98
C VAL A 225 -17.84 20.41 -5.02
N LEU A 226 -18.31 19.37 -4.36
CA LEU A 226 -19.39 19.48 -3.39
C LEU A 226 -19.02 20.37 -2.20
N GLU A 227 -17.76 20.34 -1.77
CA GLU A 227 -17.30 21.21 -0.68
C GLU A 227 -17.39 22.68 -1.04
N ALA A 228 -17.08 23.00 -2.30
CA ALA A 228 -17.21 24.36 -2.82
C ALA A 228 -18.67 24.82 -2.83
N LEU A 229 -19.59 23.86 -2.98
CA LEU A 229 -21.03 24.13 -3.06
C LEU A 229 -21.78 24.01 -1.73
N ARG A 230 -21.06 23.80 -0.63
CA ARG A 230 -21.70 23.63 0.69
C ARG A 230 -22.71 24.72 1.02
N GLU A 231 -22.38 25.98 0.73
CA GLU A 231 -23.20 27.13 1.12
C GLU A 231 -24.32 27.35 0.10
N ALA A 232 -24.13 26.84 -1.12
CA ALA A 232 -25.02 27.16 -2.24
C ALA A 232 -26.41 26.54 -2.14
N HIS A 233 -26.57 25.44 -1.41
CA HIS A 233 -27.84 24.72 -1.34
C HIS A 233 -27.76 23.65 -0.24
N PRO A 234 -28.85 23.45 0.55
CA PRO A 234 -28.71 22.53 1.71
C PRO A 234 -28.53 21.04 1.35
N ILE A 235 -29.00 20.65 0.17
CA ILE A 235 -28.85 19.28 -0.33
C ILE A 235 -27.39 18.76 -0.39
N VAL A 236 -26.43 19.67 -0.53
CA VAL A 236 -25.04 19.29 -0.73
C VAL A 236 -24.46 18.65 0.51
N GLU A 237 -24.62 19.30 1.66
CA GLU A 237 -24.20 18.72 2.95
C GLU A 237 -24.78 17.32 3.16
N LYS A 238 -26.04 17.13 2.77
CA LYS A 238 -26.67 15.81 2.88
C LYS A 238 -26.04 14.77 1.98
N ILE A 239 -25.76 15.16 0.73
CA ILE A 239 -25.08 14.26 -0.20
C ILE A 239 -23.70 13.81 0.35
N LEU A 240 -22.95 14.76 0.93
CA LEU A 240 -21.61 14.50 1.45
C LEU A 240 -21.66 13.52 2.62
N GLN A 241 -22.62 13.70 3.52
CA GLN A 241 -22.84 12.73 4.60
C GLN A 241 -23.24 11.37 4.00
N TYR A 242 -24.19 11.36 3.07
CA TYR A 242 -24.59 10.10 2.40
C TYR A 242 -23.39 9.35 1.80
N ARG A 243 -22.55 10.07 1.06
CA ARG A 243 -21.35 9.52 0.45
C ARG A 243 -20.45 8.92 1.51
N GLU A 244 -20.16 9.63 2.60
CA GLU A 244 -19.27 9.07 3.65
C GLU A 244 -19.82 7.76 4.17
N LEU A 245 -21.11 7.78 4.53
CA LEU A 245 -21.68 6.60 5.16
C LEU A 245 -21.76 5.39 4.23
N THR A 246 -22.23 5.60 3.00
CA THR A 246 -22.38 4.49 2.03
C THR A 246 -21.03 3.92 1.58
N LYS A 247 -20.05 4.78 1.40
CA LYS A 247 -18.65 4.34 1.14
C LYS A 247 -18.18 3.35 2.21
N LEU A 248 -18.33 3.75 3.47
CA LEU A 248 -17.84 2.96 4.59
C LEU A 248 -18.65 1.67 4.77
N LYS A 249 -19.95 1.76 4.57
CA LYS A 249 -20.82 0.61 4.69
C LYS A 249 -20.54 -0.43 3.58
N SER A 250 -20.47 0.00 2.33
CA SER A 250 -20.32 -0.94 1.21
C SER A 250 -18.90 -1.51 1.05
N THR A 251 -17.89 -0.78 1.52
CA THR A 251 -16.49 -1.17 1.34
C THR A 251 -15.94 -1.94 2.53
N TYR A 252 -16.36 -1.62 3.75
CA TYR A 252 -15.80 -2.23 4.95
C TYR A 252 -16.82 -2.91 5.86
N ILE A 253 -17.87 -2.20 6.27
CA ILE A 253 -18.76 -2.68 7.35
C ILE A 253 -19.44 -3.96 6.88
N ASP A 254 -19.98 -3.96 5.66
CA ASP A 254 -20.68 -5.14 5.12
C ASP A 254 -19.79 -6.28 4.57
N PRO A 255 -18.76 -5.97 3.76
CA PRO A 255 -18.01 -7.10 3.19
C PRO A 255 -17.08 -7.85 4.18
N LEU A 256 -16.43 -7.12 5.08
CA LEU A 256 -15.37 -7.73 5.89
C LEU A 256 -15.86 -8.90 6.79
N PRO A 257 -17.04 -8.74 7.43
CA PRO A 257 -17.48 -9.89 8.22
C PRO A 257 -17.67 -11.20 7.45
N ASP A 258 -17.96 -11.14 6.15
CA ASP A 258 -18.17 -12.35 5.36
C ASP A 258 -16.87 -12.97 4.84
N LEU A 259 -15.74 -12.39 5.18
CA LEU A 259 -14.44 -12.88 4.70
C LEU A 259 -13.63 -13.63 5.76
N ILE A 260 -14.25 -13.97 6.89
CA ILE A 260 -13.56 -14.67 7.95
C ILE A 260 -13.31 -16.11 7.48
N HIS A 261 -12.06 -16.57 7.62
CA HIS A 261 -11.70 -17.87 7.17
C HIS A 261 -12.15 -18.92 8.20
N PRO A 262 -12.79 -20.02 7.74
CA PRO A 262 -13.35 -21.00 8.70
C PRO A 262 -12.33 -21.80 9.54
N ARG A 263 -11.12 -22.01 9.04
CA ARG A 263 -10.06 -22.70 9.80
C ARG A 263 -9.32 -21.83 10.79
N THR A 264 -9.15 -20.55 10.50
CA THR A 264 -8.41 -19.65 11.40
C THR A 264 -9.32 -18.76 12.21
N GLY A 265 -10.56 -18.55 11.76
CA GLY A 265 -11.40 -17.51 12.37
C GLY A 265 -10.82 -16.11 12.22
N ARG A 266 -10.02 -15.87 11.18
CA ARG A 266 -9.36 -14.58 10.98
C ARG A 266 -9.52 -14.08 9.55
N LEU A 267 -9.15 -12.84 9.35
CA LEU A 267 -9.24 -12.15 8.09
C LEU A 267 -7.85 -12.17 7.41
N HIS A 268 -7.78 -12.62 6.15
CA HIS A 268 -6.50 -12.86 5.47
C HIS A 268 -6.38 -12.06 4.20
N THR A 269 -5.54 -11.03 4.25
CA THR A 269 -5.24 -10.25 3.08
C THR A 269 -4.10 -10.88 2.25
N ARG A 270 -3.84 -10.29 1.08
CA ARG A 270 -2.70 -10.64 0.23
C ARG A 270 -1.81 -9.43 0.16
N PHE A 271 -0.51 -9.62 0.37
CA PHE A 271 0.46 -8.55 0.23
C PHE A 271 1.18 -8.75 -1.11
N ASN A 272 0.79 -7.98 -2.10
CA ASN A 272 1.24 -8.11 -3.47
C ASN A 272 2.60 -7.44 -3.62
N GLN A 273 3.58 -8.23 -4.02
CA GLN A 273 4.98 -7.79 -3.99
C GLN A 273 5.50 -7.25 -5.32
N THR A 274 4.74 -7.42 -6.40
CA THR A 274 5.14 -6.86 -7.70
C THR A 274 3.98 -6.10 -8.38
N ALA A 275 3.42 -5.14 -7.65
CA ALA A 275 2.19 -4.44 -8.01
C ALA A 275 2.32 -2.92 -8.17
N THR A 276 3.39 -2.28 -7.66
CA THR A 276 3.51 -0.82 -7.73
C THR A 276 4.73 -0.32 -8.50
N ALA A 277 4.59 0.89 -9.05
CA ALA A 277 5.68 1.55 -9.78
C ALA A 277 6.83 2.03 -8.90
N THR A 278 6.61 2.18 -7.59
CA THR A 278 7.64 2.78 -6.74
C THR A 278 8.34 1.80 -5.86
N GLY A 279 7.84 0.57 -5.82
CA GLY A 279 8.33 -0.44 -4.89
C GLY A 279 7.61 -0.58 -3.55
N ARG A 280 6.54 0.17 -3.34
CA ARG A 280 5.64 -0.16 -2.24
C ARG A 280 5.00 -1.53 -2.45
N LEU A 281 4.55 -2.14 -1.36
CA LEU A 281 3.64 -3.28 -1.47
C LEU A 281 2.27 -2.78 -1.84
N SER A 282 1.39 -3.68 -2.26
CA SER A 282 -0.05 -3.44 -2.15
C SER A 282 -0.73 -4.53 -1.34
N SER A 283 -2.00 -4.30 -1.05
CA SER A 283 -2.84 -5.21 -0.31
C SER A 283 -4.21 -5.36 -0.99
N SER A 284 -4.66 -6.60 -1.12
CA SER A 284 -5.93 -6.87 -1.78
C SER A 284 -6.62 -8.13 -1.23
N ASP A 285 -7.91 -8.20 -1.50
CA ASP A 285 -8.67 -9.42 -1.33
C ASP A 285 -8.90 -9.86 0.14
N PRO A 286 -8.84 -8.90 1.05
CA PRO A 286 -9.46 -7.59 1.05
C PRO A 286 -8.22 -6.68 1.24
N ASN A 287 -8.30 -5.46 0.75
CA ASN A 287 -7.31 -4.43 1.02
C ASN A 287 -7.40 -4.03 2.48
N LEU A 288 -6.34 -4.30 3.23
CA LEU A 288 -6.25 -3.87 4.61
C LEU A 288 -5.29 -2.73 4.83
N GLN A 289 -4.75 -2.14 3.76
CA GLN A 289 -3.96 -0.91 3.82
C GLN A 289 -4.79 0.39 3.63
N ASN A 290 -6.10 0.25 3.53
CA ASN A 290 -7.00 1.44 3.50
C ASN A 290 -8.20 1.32 4.46
N ILE A 291 -8.00 0.62 5.57
CA ILE A 291 -9.05 0.60 6.59
C ILE A 291 -9.27 2.00 7.12
N PRO A 292 -10.54 2.43 7.28
CA PRO A 292 -10.78 3.81 7.78
C PRO A 292 -10.13 4.12 9.11
N VAL A 293 -9.81 5.40 9.29
CA VAL A 293 -9.19 5.90 10.50
C VAL A 293 -9.55 7.37 10.82
N ARG A 294 -10.02 8.13 9.84
CA ARG A 294 -10.03 9.59 9.92
C ARG A 294 -11.32 10.13 10.58
N THR A 295 -12.47 9.74 10.05
CA THR A 295 -13.74 10.33 10.56
C THR A 295 -14.21 9.53 11.77
N PRO A 296 -15.14 10.09 12.56
CA PRO A 296 -15.65 9.32 13.69
C PRO A 296 -16.17 7.93 13.30
N LEU A 297 -16.89 7.81 12.19
CA LEU A 297 -17.35 6.47 11.77
C LEU A 297 -16.20 5.59 11.30
N GLY A 298 -15.25 6.18 10.61
CA GLY A 298 -14.07 5.42 10.22
C GLY A 298 -13.31 4.83 11.40
N GLN A 299 -13.09 5.67 12.40
CA GLN A 299 -12.47 5.23 13.69
C GLN A 299 -13.25 4.07 14.33
N ARG A 300 -14.57 4.17 14.27
CA ARG A 300 -15.47 3.13 14.78
C ARG A 300 -15.22 1.81 14.08
N ILE A 301 -14.99 1.86 12.78
CA ILE A 301 -14.66 0.66 12.00
C ILE A 301 -13.26 0.08 12.35
N ARG A 302 -12.28 0.97 12.48
CA ARG A 302 -10.94 0.53 12.80
C ARG A 302 -10.87 -0.24 14.14
N ARG A 303 -11.70 0.13 15.11
CA ARG A 303 -11.83 -0.61 16.36
C ARG A 303 -12.24 -2.10 16.25
N ALA A 304 -12.81 -2.49 15.10
CA ALA A 304 -13.15 -3.91 14.88
C ALA A 304 -11.91 -4.81 14.73
N PHE A 305 -10.74 -4.21 14.46
CA PHE A 305 -9.49 -4.96 14.29
C PHE A 305 -8.84 -5.09 15.67
N ILE A 306 -8.84 -6.32 16.15
CA ILE A 306 -8.56 -6.58 17.55
C ILE A 306 -7.47 -7.63 17.68
N ALA A 307 -6.96 -7.76 18.89
CA ALA A 307 -5.92 -8.75 19.20
C ALA A 307 -6.60 -10.03 19.68
N GLU A 308 -5.97 -11.17 19.43
CA GLU A 308 -6.37 -12.41 20.07
C GLU A 308 -6.39 -12.26 21.58
N GLU A 309 -7.27 -13.01 22.22
CA GLU A 309 -7.36 -13.05 23.66
C GLU A 309 -6.01 -13.51 24.21
N GLY A 310 -5.50 -12.78 25.19
CA GLY A 310 -4.17 -13.06 25.77
C GLY A 310 -3.02 -12.38 25.04
N TRP A 311 -3.35 -11.66 23.95
CA TRP A 311 -2.37 -10.93 23.15
C TRP A 311 -2.73 -9.42 23.11
N LEU A 312 -1.81 -8.63 22.56
CA LEU A 312 -2.04 -7.22 22.28
C LEU A 312 -1.51 -6.87 20.89
N LEU A 313 -2.14 -5.87 20.25
CA LEU A 313 -1.60 -5.27 19.04
C LEU A 313 -0.54 -4.26 19.41
N VAL A 314 0.47 -4.18 18.56
CA VAL A 314 1.54 -3.21 18.67
C VAL A 314 1.61 -2.57 17.30
N ALA A 315 1.40 -1.26 17.26
CA ALA A 315 1.38 -0.54 16.02
C ALA A 315 2.55 0.45 16.03
N LEU A 316 3.35 0.40 14.95
CA LEU A 316 4.57 1.20 14.83
C LEU A 316 4.50 1.94 13.49
N ASP A 317 4.73 3.25 13.50
CA ASP A 317 4.56 4.11 12.33
C ASP A 317 5.72 5.09 12.27
N TYR A 318 6.44 5.10 11.15
CA TYR A 318 7.55 6.04 10.98
C TYR A 318 7.04 7.48 10.97
N SER A 319 7.73 8.33 11.69
CA SER A 319 7.42 9.76 11.79
C SER A 319 7.86 10.52 10.53
N GLN A 320 6.93 11.21 9.86
CA GLN A 320 7.27 12.14 8.78
C GLN A 320 8.21 11.55 7.74
N ILE A 321 7.94 10.33 7.37
CA ILE A 321 8.95 9.52 6.75
C ILE A 321 9.49 10.04 5.42
N GLU A 322 8.62 10.38 4.45
CA GLU A 322 9.13 10.89 3.17
C GLU A 322 9.87 12.23 3.30
N LEU A 323 9.56 13.02 4.32
CA LEU A 323 10.29 14.27 4.55
C LEU A 323 11.71 14.02 5.06
N ARG A 324 11.86 13.00 5.89
CA ARG A 324 13.19 12.58 6.38
C ARG A 324 14.01 11.99 5.24
N VAL A 325 13.37 11.12 4.44
CA VAL A 325 13.99 10.54 3.26
C VAL A 325 14.49 11.64 2.30
N LEU A 326 13.62 12.63 2.10
CA LEU A 326 13.94 13.78 1.26
C LEU A 326 15.17 14.52 1.77
N ALA A 327 15.25 14.68 3.08
CA ALA A 327 16.43 15.32 3.69
C ALA A 327 17.71 14.55 3.36
N HIS A 328 17.65 13.22 3.36
CA HIS A 328 18.81 12.40 3.01
C HIS A 328 19.14 12.46 1.53
N LEU A 329 18.14 12.28 0.68
CA LEU A 329 18.40 12.20 -0.77
C LEU A 329 18.85 13.54 -1.31
N SER A 330 18.29 14.62 -0.77
CA SER A 330 18.59 15.97 -1.22
C SER A 330 19.87 16.54 -0.59
N GLY A 331 20.00 16.36 0.72
CA GLY A 331 21.13 16.97 1.46
C GLY A 331 20.91 18.42 1.84
N ASP A 332 19.66 18.88 1.81
CA ASP A 332 19.31 20.21 2.30
C ASP A 332 19.67 20.36 3.79
N GLU A 333 20.49 21.36 4.09
CA GLU A 333 21.03 21.56 5.44
C GLU A 333 19.92 22.01 6.37
N ASN A 334 19.07 22.93 5.92
CA ASN A 334 17.94 23.40 6.74
C ASN A 334 16.95 22.27 7.07
N LEU A 335 16.65 21.42 6.09
CA LEU A 335 15.71 20.33 6.32
C LEU A 335 16.31 19.29 7.27
N ILE A 336 17.57 18.93 7.02
CA ILE A 336 18.32 18.12 7.95
C ILE A 336 18.27 18.69 9.37
N ARG A 337 18.45 20.00 9.51
CA ARG A 337 18.47 20.67 10.82
C ARG A 337 17.15 20.54 11.55
N VAL A 338 16.06 20.73 10.82
CA VAL A 338 14.70 20.57 11.34
C VAL A 338 14.54 19.25 12.10
N PHE A 339 15.01 18.16 11.50
CA PHE A 339 14.86 16.83 12.11
C PHE A 339 15.91 16.59 13.21
N GLN A 340 17.11 17.15 13.08
CA GLN A 340 18.08 17.11 14.19
C GLN A 340 17.61 17.92 15.40
N GLU A 341 16.83 18.96 15.17
CA GLU A 341 16.19 19.71 16.25
C GLU A 341 14.90 19.07 16.77
N GLY A 342 14.53 17.91 16.23
CA GLY A 342 13.37 17.18 16.72
C GLY A 342 12.03 17.83 16.40
N ARG A 343 11.97 18.53 15.27
CA ARG A 343 10.76 19.30 14.93
C ARG A 343 9.80 18.49 14.09
N ASP A 344 8.53 18.82 14.22
CA ASP A 344 7.46 18.20 13.44
C ASP A 344 6.86 19.20 12.45
N ILE A 345 7.09 18.93 11.16
CA ILE A 345 6.66 19.79 10.07
C ILE A 345 5.16 19.72 9.85
N HIS A 346 4.55 18.55 10.05
CA HIS A 346 3.09 18.42 9.92
C HIS A 346 2.38 19.25 10.99
N THR A 347 2.86 19.16 12.22
CA THR A 347 2.26 19.92 13.33
C THR A 347 2.42 21.41 13.15
N GLU A 348 3.57 21.81 12.62
CA GLU A 348 3.84 23.22 12.34
C GLU A 348 2.93 23.79 11.27
N THR A 349 2.82 23.07 10.16
CA THR A 349 1.89 23.47 9.11
C THR A 349 0.49 23.52 9.67
N ALA A 350 0.09 22.48 10.41
CA ALA A 350 -1.25 22.42 10.98
C ALA A 350 -1.52 23.61 11.90
N SER A 351 -0.58 23.92 12.77
CA SER A 351 -0.74 25.06 13.69
C SER A 351 -0.95 26.37 12.92
N TRP A 352 -0.10 26.57 11.91
CA TRP A 352 -0.18 27.74 11.03
C TRP A 352 -1.52 27.82 10.26
N MET A 353 -1.94 26.70 9.69
CA MET A 353 -3.18 26.57 8.89
C MET A 353 -4.44 26.92 9.61
N PHE A 354 -4.60 26.36 10.80
CA PHE A 354 -5.82 26.52 11.57
C PHE A 354 -5.66 27.60 12.64
N GLY A 355 -4.48 28.23 12.71
CA GLY A 355 -4.24 29.30 13.66
C GLY A 355 -4.53 28.91 15.11
N VAL A 356 -4.02 27.75 15.52
CA VAL A 356 -4.12 27.31 16.92
C VAL A 356 -2.74 26.91 17.42
N PRO A 357 -2.53 26.86 18.77
CA PRO A 357 -1.24 26.39 19.27
C PRO A 357 -0.96 24.93 18.88
N ARG A 358 0.30 24.58 18.86
CA ARG A 358 0.69 23.21 18.53
C ARG A 358 -0.04 22.16 19.36
N GLU A 359 -0.19 22.41 20.65
CA GLU A 359 -0.91 21.53 21.57
C GLU A 359 -2.40 21.35 21.22
N ALA A 360 -2.97 22.31 20.48
CA ALA A 360 -4.36 22.23 20.02
C ALA A 360 -4.54 21.45 18.71
N VAL A 361 -3.45 21.17 17.98
CA VAL A 361 -3.52 20.44 16.71
C VAL A 361 -4.04 19.02 16.90
N ASP A 362 -5.23 18.73 16.38
CA ASP A 362 -5.86 17.39 16.48
C ASP A 362 -5.48 16.48 15.27
N PRO A 363 -5.91 15.20 15.29
CA PRO A 363 -5.54 14.33 14.18
C PRO A 363 -6.09 14.72 12.81
N LEU A 364 -7.31 15.28 12.78
CA LEU A 364 -7.87 15.78 11.54
C LEU A 364 -7.02 16.88 10.93
N MET A 365 -6.57 17.82 11.76
CA MET A 365 -5.74 18.91 11.31
C MET A 365 -4.39 18.43 10.81
N ARG A 366 -3.81 17.47 11.51
CA ARG A 366 -2.54 16.92 11.11
C ARG A 366 -2.67 16.25 9.73
N ARG A 367 -3.77 15.52 9.50
CA ARG A 367 -4.00 14.91 8.16
C ARG A 367 -4.18 15.99 7.08
N ALA A 368 -4.89 17.06 7.42
CA ALA A 368 -5.01 18.20 6.50
C ALA A 368 -3.66 18.81 6.19
N ALA A 369 -2.82 18.92 7.21
CA ALA A 369 -1.47 19.46 7.02
C ALA A 369 -0.57 18.56 6.17
N LYS A 370 -0.76 17.25 6.26
CA LYS A 370 -0.03 16.30 5.41
C LYS A 370 -0.30 16.53 3.93
N THR A 371 -1.56 16.77 3.60
CA THR A 371 -1.95 17.07 2.23
C THR A 371 -1.20 18.28 1.69
N ILE A 372 -1.06 19.30 2.53
CA ILE A 372 -0.39 20.51 2.15
C ILE A 372 1.08 20.23 1.94
N ASN A 373 1.74 19.64 2.94
CA ASN A 373 3.18 19.43 2.90
C ASN A 373 3.64 18.52 1.77
N PHE A 374 2.95 17.40 1.56
CA PHE A 374 3.31 16.52 0.44
C PHE A 374 2.82 17.08 -0.89
N GLY A 375 1.61 17.64 -0.90
CA GLY A 375 1.08 18.39 -2.04
C GLY A 375 2.06 19.39 -2.58
N VAL A 376 2.51 20.32 -1.75
CA VAL A 376 3.45 21.35 -2.22
C VAL A 376 4.71 20.72 -2.75
N LEU A 377 5.25 19.78 -2.00
CA LEU A 377 6.51 19.14 -2.36
C LEU A 377 6.45 18.45 -3.72
N TYR A 378 5.39 17.70 -3.94
CA TYR A 378 5.25 16.92 -5.16
C TYR A 378 4.53 17.66 -6.32
N GLY A 379 4.40 18.98 -6.20
CA GLY A 379 4.03 19.82 -7.34
C GLY A 379 2.61 20.35 -7.39
N MET A 380 1.92 20.39 -6.26
CA MET A 380 0.59 21.03 -6.20
C MET A 380 0.64 22.47 -6.72
N SER A 381 -0.47 22.89 -7.36
CA SER A 381 -0.62 24.26 -7.90
C SER A 381 -1.18 25.22 -6.86
N ALA A 382 -0.90 26.51 -7.02
CA ALA A 382 -1.45 27.55 -6.15
C ALA A 382 -2.99 27.55 -6.10
N HIS A 383 -3.61 27.30 -7.25
CA HIS A 383 -5.07 27.32 -7.39
C HIS A 383 -5.69 26.30 -6.47
N ARG A 384 -5.19 25.05 -6.56
CA ARG A 384 -5.69 24.01 -5.69
C ARG A 384 -5.40 24.32 -4.23
N LEU A 385 -4.22 24.84 -3.97
CA LEU A 385 -3.79 25.15 -2.60
C LEU A 385 -4.75 26.15 -1.92
N SER A 386 -5.17 27.18 -2.67
CA SER A 386 -6.16 28.18 -2.22
C SER A 386 -7.38 27.52 -1.58
N GLN A 387 -7.87 26.46 -2.22
CA GLN A 387 -9.10 25.77 -1.82
C GLN A 387 -8.82 24.92 -0.59
N GLU A 388 -7.72 24.17 -0.66
CA GLU A 388 -7.29 23.31 0.43
C GLU A 388 -7.14 24.14 1.69
N LEU A 389 -6.38 25.23 1.62
CA LEU A 389 -6.21 26.13 2.76
C LEU A 389 -7.46 26.99 3.06
N ALA A 390 -8.27 27.27 2.04
CA ALA A 390 -9.39 28.21 2.11
C ALA A 390 -8.89 29.63 2.40
N ILE A 391 -7.83 30.03 1.68
CA ILE A 391 -7.30 31.39 1.74
C ILE A 391 -7.18 31.90 0.32
N PRO A 392 -7.02 33.23 0.15
CA PRO A 392 -6.80 33.81 -1.17
C PRO A 392 -5.67 33.14 -1.95
N TYR A 393 -5.81 33.18 -3.29
CA TYR A 393 -4.83 32.61 -4.22
C TYR A 393 -3.44 33.18 -3.98
N GLU A 394 -3.38 34.48 -3.74
CA GLU A 394 -2.11 35.19 -3.62
C GLU A 394 -1.32 34.75 -2.37
N GLU A 395 -2.06 34.43 -1.30
CA GLU A 395 -1.47 33.89 -0.07
C GLU A 395 -1.02 32.44 -0.24
N ALA A 396 -1.88 31.61 -0.82
CA ALA A 396 -1.52 30.22 -1.17
C ALA A 396 -0.30 30.14 -2.11
N GLN A 397 -0.22 31.07 -3.07
CA GLN A 397 0.95 31.20 -3.94
C GLN A 397 2.22 31.47 -3.12
N ALA A 398 2.14 32.38 -2.17
CA ALA A 398 3.28 32.77 -1.35
C ALA A 398 3.77 31.64 -0.42
N PHE A 399 2.85 30.80 0.04
CA PHE A 399 3.17 29.65 0.88
C PHE A 399 4.14 28.69 0.19
N ILE A 400 3.95 28.48 -1.12
CA ILE A 400 4.83 27.60 -1.92
C ILE A 400 6.20 28.23 -2.08
N GLU A 401 6.22 29.52 -2.37
CA GLU A 401 7.46 30.28 -2.48
C GLU A 401 8.32 30.04 -1.23
N ARG A 402 7.72 30.29 -0.06
CA ARG A 402 8.44 30.16 1.22
C ARG A 402 8.92 28.74 1.50
N TYR A 403 8.02 27.77 1.37
CA TYR A 403 8.38 26.34 1.49
C TYR A 403 9.72 26.02 0.83
N PHE A 404 9.86 26.34 -0.46
CA PHE A 404 11.08 26.06 -1.21
C PHE A 404 12.21 27.03 -0.88
N GLN A 405 11.88 28.26 -0.48
CA GLN A 405 12.90 29.21 0.01
C GLN A 405 13.57 28.69 1.29
N SER A 406 12.77 28.17 2.21
CA SER A 406 13.25 27.55 3.46
C SER A 406 14.20 26.39 3.23
N PHE A 407 13.89 25.55 2.24
CA PHE A 407 14.64 24.31 1.99
C PHE A 407 15.24 24.30 0.59
N PRO A 408 16.26 25.15 0.38
CA PRO A 408 16.70 25.49 -0.98
C PRO A 408 17.26 24.36 -1.84
N LYS A 409 17.92 23.37 -1.25
CA LYS A 409 18.53 22.27 -2.05
C LYS A 409 17.57 21.13 -2.49
N VAL A 410 16.29 21.26 -2.14
CA VAL A 410 15.27 20.31 -2.61
C VAL A 410 15.06 20.45 -4.13
N ARG A 411 14.88 21.70 -4.56
CA ARG A 411 14.61 22.02 -5.96
C ARG A 411 15.77 21.54 -6.83
N ALA A 412 16.98 21.68 -6.33
CA ALA A 412 18.19 21.19 -7.01
C ALA A 412 18.18 19.67 -7.16
N TRP A 413 17.76 18.99 -6.10
CA TRP A 413 17.62 17.54 -6.17
C TRP A 413 16.53 17.18 -7.19
N ILE A 414 15.42 17.89 -7.16
CA ILE A 414 14.35 17.64 -8.12
C ILE A 414 14.87 17.74 -9.57
N GLU A 415 15.62 18.81 -9.86
CA GLU A 415 16.10 19.05 -11.21
C GLU A 415 17.16 18.05 -11.67
N LYS A 416 18.07 17.65 -10.78
CA LYS A 416 19.04 16.61 -11.13
C LYS A 416 18.35 15.27 -11.40
N THR A 417 17.40 14.94 -10.55
CA THR A 417 16.64 13.73 -10.71
C THR A 417 15.97 13.68 -12.08
N LEU A 418 15.31 14.78 -12.44
CA LEU A 418 14.60 14.86 -13.72
C LEU A 418 15.49 14.74 -14.96
N GLU A 419 16.61 15.44 -15.01
CA GLU A 419 17.49 15.34 -16.19
C GLU A 419 18.12 13.94 -16.31
N GLU A 420 18.41 13.34 -15.16
CA GLU A 420 18.93 12.01 -15.11
C GLU A 420 17.91 11.03 -15.67
N GLY A 421 16.64 11.20 -15.27
CA GLY A 421 15.56 10.44 -15.83
C GLY A 421 15.35 10.63 -17.33
N ARG A 422 15.54 11.85 -17.81
CA ARG A 422 15.51 12.09 -19.26
C ARG A 422 16.61 11.34 -20.00
N ARG A 423 17.82 11.40 -19.47
CA ARG A 423 18.97 10.81 -20.14
C ARG A 423 18.96 9.30 -20.06
N ARG A 424 18.78 8.78 -18.84
CA ARG A 424 18.81 7.34 -18.58
C ARG A 424 17.50 6.63 -18.95
N GLY A 425 16.37 7.37 -18.94
CA GLY A 425 15.07 6.76 -19.13
C GLY A 425 14.39 6.24 -17.85
N TYR A 426 15.15 6.22 -16.74
CA TYR A 426 14.63 5.80 -15.43
C TYR A 426 15.17 6.67 -14.29
N VAL A 427 14.44 6.63 -13.17
CA VAL A 427 14.87 7.22 -11.91
C VAL A 427 15.09 6.09 -10.91
N GLU A 428 15.69 6.40 -9.76
CA GLU A 428 16.01 5.35 -8.81
C GLU A 428 15.96 5.78 -7.34
N THR A 429 15.73 4.81 -6.46
CA THR A 429 15.77 5.06 -5.01
C THR A 429 17.21 5.08 -4.51
N LEU A 430 17.36 5.36 -3.22
CA LEU A 430 18.64 5.27 -2.52
C LEU A 430 19.38 3.95 -2.77
N PHE A 431 18.63 2.85 -2.85
CA PHE A 431 19.21 1.54 -3.04
C PHE A 431 19.35 1.10 -4.46
N GLY A 432 18.91 1.93 -5.41
CA GLY A 432 19.00 1.62 -6.82
C GLY A 432 17.78 0.90 -7.40
N ARG A 433 16.66 0.85 -6.67
CA ARG A 433 15.42 0.43 -7.29
C ARG A 433 15.05 1.43 -8.40
N ARG A 434 14.65 0.91 -9.55
CA ARG A 434 14.45 1.71 -10.75
C ARG A 434 12.97 1.82 -11.12
N ARG A 435 12.57 2.98 -11.63
CA ARG A 435 11.28 3.17 -12.32
C ARG A 435 11.53 3.85 -13.67
N TYR A 436 11.09 3.20 -14.75
CA TYR A 436 11.24 3.83 -16.11
C TYR A 436 10.12 4.81 -16.32
N VAL A 437 10.47 6.07 -16.60
CA VAL A 437 9.45 7.12 -16.92
C VAL A 437 9.73 7.70 -18.31
N PRO A 438 9.19 7.08 -19.36
CA PRO A 438 9.53 7.53 -20.73
C PRO A 438 8.93 8.89 -21.14
N ASP A 439 7.78 9.26 -20.56
CA ASP A 439 7.09 10.48 -21.01
C ASP A 439 7.69 11.81 -20.51
N LEU A 440 8.91 11.75 -19.94
CA LEU A 440 9.66 12.94 -19.55
C LEU A 440 10.08 13.82 -20.73
N GLU A 441 10.06 13.26 -21.93
CA GLU A 441 10.40 13.97 -23.14
C GLU A 441 9.16 14.22 -24.01
N ALA A 442 7.96 13.92 -23.50
CA ALA A 442 6.71 14.17 -24.22
C ALA A 442 6.54 15.65 -24.55
N ARG A 443 5.88 15.94 -25.67
CA ARG A 443 5.73 17.31 -26.16
C ARG A 443 4.39 17.97 -25.80
N VAL A 444 3.45 17.19 -25.28
CA VAL A 444 2.27 17.76 -24.64
C VAL A 444 2.71 18.12 -23.23
N LYS A 445 2.59 19.39 -22.86
CA LYS A 445 3.03 19.85 -21.55
C LYS A 445 2.38 19.10 -20.39
N SER A 446 1.04 19.01 -20.40
CA SER A 446 0.29 18.33 -19.32
C SER A 446 0.77 16.90 -19.10
N VAL A 447 1.11 16.22 -20.20
CA VAL A 447 1.59 14.84 -20.17
C VAL A 447 3.02 14.78 -19.63
N ARG A 448 3.91 15.63 -20.14
CA ARG A 448 5.30 15.70 -19.65
C ARG A 448 5.39 16.06 -18.15
N GLU A 449 4.60 17.05 -17.74
CA GLU A 449 4.67 17.54 -16.38
C GLU A 449 4.08 16.53 -15.39
N ALA A 450 3.05 15.81 -15.80
CA ALA A 450 2.54 14.66 -15.04
C ALA A 450 3.64 13.60 -14.84
N ALA A 451 4.32 13.27 -15.93
CA ALA A 451 5.45 12.34 -15.91
C ALA A 451 6.54 12.79 -14.94
N GLU A 452 6.87 14.07 -14.99
CA GLU A 452 7.85 14.67 -14.05
C GLU A 452 7.48 14.49 -12.57
N ARG A 453 6.21 14.71 -12.25
CA ARG A 453 5.75 14.55 -10.90
C ARG A 453 5.82 13.09 -10.49
N MET A 454 5.44 12.17 -11.38
CA MET A 454 5.67 10.73 -11.12
C MET A 454 7.13 10.43 -10.85
N ALA A 455 8.00 10.96 -11.72
CA ALA A 455 9.42 10.60 -11.72
C ALA A 455 10.18 11.06 -10.46
N PHE A 456 9.94 12.27 -9.97
CA PHE A 456 10.70 12.77 -8.80
C PHE A 456 10.06 12.37 -7.48
N ASN A 457 8.81 11.90 -7.53
CA ASN A 457 8.19 11.30 -6.36
C ASN A 457 8.77 9.93 -6.05
N MET A 458 9.12 9.18 -7.08
CA MET A 458 9.47 7.79 -6.93
C MET A 458 10.72 7.52 -6.08
N PRO A 459 11.80 8.28 -6.25
CA PRO A 459 12.97 8.05 -5.36
C PRO A 459 12.64 8.24 -3.87
N VAL A 460 11.70 9.13 -3.56
CA VAL A 460 11.32 9.41 -2.16
C VAL A 460 10.37 8.33 -1.64
N GLN A 461 9.25 8.12 -2.33
CA GLN A 461 8.31 7.13 -1.88
C GLN A 461 8.98 5.75 -1.90
N GLY A 462 9.78 5.51 -2.94
CA GLY A 462 10.45 4.23 -3.11
C GLY A 462 11.54 3.95 -2.09
N THR A 463 12.27 4.99 -1.68
CA THR A 463 13.30 4.80 -0.64
C THR A 463 12.62 4.47 0.69
N ALA A 464 11.54 5.18 1.01
CA ALA A 464 10.72 4.81 2.19
C ALA A 464 10.26 3.37 2.13
N ALA A 465 9.84 2.90 0.96
CA ALA A 465 9.42 1.54 0.79
C ALA A 465 10.56 0.54 0.97
N ASP A 466 11.73 0.84 0.40
CA ASP A 466 12.92 0.01 0.60
C ASP A 466 13.27 -0.09 2.09
N LEU A 467 13.29 1.04 2.79
CA LEU A 467 13.56 1.06 4.24
C LEU A 467 12.61 0.15 5.03
N MET A 468 11.31 0.29 4.76
CA MET A 468 10.31 -0.48 5.48
C MET A 468 10.44 -1.96 5.17
N LYS A 469 10.70 -2.32 3.92
CA LYS A 469 10.93 -3.73 3.57
C LYS A 469 12.13 -4.31 4.32
N LEU A 470 13.20 -3.53 4.36
CA LEU A 470 14.43 -3.95 4.99
C LEU A 470 14.17 -4.22 6.47
N ALA A 471 13.41 -3.32 7.10
CA ALA A 471 13.11 -3.44 8.52
C ALA A 471 12.28 -4.69 8.78
N MET A 472 11.37 -4.98 7.86
CA MET A 472 10.56 -6.16 7.97
C MET A 472 11.43 -7.41 7.99
N VAL A 473 12.39 -7.46 7.06
CA VAL A 473 13.29 -8.63 6.95
C VAL A 473 14.13 -8.84 8.21
N LYS A 474 14.63 -7.74 8.76
CA LYS A 474 15.40 -7.78 9.98
C LYS A 474 14.55 -8.15 11.17
N LEU A 475 13.34 -7.61 11.23
CA LEU A 475 12.51 -7.74 12.45
C LEU A 475 11.88 -9.12 12.58
N PHE A 476 11.41 -9.69 11.47
CA PHE A 476 10.66 -10.94 11.52
C PHE A 476 11.29 -12.07 12.38
N PRO A 477 12.56 -12.41 12.13
CA PRO A 477 13.15 -13.46 12.98
C PRO A 477 13.24 -13.11 14.51
N ARG A 478 13.37 -11.83 14.85
CA ARG A 478 13.34 -11.43 16.27
C ARG A 478 11.94 -11.67 16.89
N LEU A 479 10.89 -11.45 16.10
CA LEU A 479 9.53 -11.66 16.58
C LEU A 479 9.29 -13.14 16.83
N GLU A 480 9.65 -13.98 15.85
CA GLU A 480 9.59 -15.44 15.97
C GLU A 480 10.23 -15.91 17.26
N GLU A 481 11.43 -15.41 17.55
CA GLU A 481 12.16 -15.70 18.78
C GLU A 481 11.39 -15.35 20.03
N MET A 482 10.65 -14.24 19.99
CA MET A 482 9.85 -13.83 21.15
C MET A 482 8.41 -14.35 21.17
N GLY A 483 8.05 -15.24 20.25
CA GLY A 483 6.68 -15.75 20.09
C GLY A 483 5.63 -14.71 19.66
N ALA A 484 6.08 -13.64 18.99
CA ALA A 484 5.18 -12.61 18.46
C ALA A 484 4.99 -12.79 16.97
N ARG A 485 4.07 -12.03 16.41
CA ARG A 485 3.64 -12.17 15.03
C ARG A 485 3.67 -10.83 14.30
N MET A 486 4.01 -10.84 13.01
CA MET A 486 3.83 -9.68 12.16
C MET A 486 2.49 -9.87 11.43
N LEU A 487 1.59 -8.90 11.51
CA LEU A 487 0.26 -9.06 10.91
C LEU A 487 0.10 -8.27 9.64
N LEU A 488 0.34 -6.95 9.72
CA LEU A 488 0.10 -6.02 8.60
C LEU A 488 1.29 -5.06 8.40
N GLN A 489 1.52 -4.70 7.12
CA GLN A 489 2.28 -3.54 6.74
C GLN A 489 1.37 -2.57 6.03
N VAL A 490 1.48 -1.29 6.41
CA VAL A 490 0.67 -0.19 5.84
C VAL A 490 1.63 0.94 5.46
N HIS A 491 2.57 0.56 4.58
CA HIS A 491 3.48 1.45 3.88
C HIS A 491 4.62 1.93 4.74
N ASP A 492 4.35 2.64 5.83
CA ASP A 492 5.38 3.02 6.78
C ASP A 492 5.02 2.58 8.19
N GLU A 493 4.13 1.60 8.28
CA GLU A 493 3.60 1.14 9.55
C GLU A 493 3.59 -0.37 9.54
N LEU A 494 3.89 -0.95 10.70
CA LEU A 494 3.63 -2.36 10.94
C LEU A 494 2.69 -2.52 12.10
N VAL A 495 1.80 -3.51 11.95
CA VAL A 495 0.95 -3.94 13.03
C VAL A 495 1.39 -5.37 13.41
N LEU A 496 1.80 -5.53 14.66
CA LEU A 496 2.24 -6.81 15.19
C LEU A 496 1.21 -7.31 16.20
N GLU A 497 1.35 -8.58 16.58
CA GLU A 497 0.54 -9.15 17.64
C GLU A 497 1.51 -9.83 18.60
N ALA A 498 1.40 -9.56 19.88
CA ALA A 498 2.35 -10.11 20.84
C ALA A 498 1.63 -10.64 22.06
N PRO A 499 2.13 -11.73 22.66
CA PRO A 499 1.57 -12.12 23.94
C PRO A 499 1.64 -10.96 24.95
N LYS A 500 0.61 -10.80 25.77
CA LYS A 500 0.53 -9.70 26.75
C LYS A 500 1.79 -9.55 27.60
N GLU A 501 2.35 -10.67 28.02
CA GLU A 501 3.55 -10.63 28.83
C GLU A 501 4.78 -10.14 28.10
N ARG A 502 4.82 -10.24 26.78
CA ARG A 502 5.99 -9.80 26.06
C ARG A 502 5.74 -8.56 25.22
N ALA A 503 4.53 -8.01 25.27
CA ALA A 503 4.16 -6.89 24.38
C ALA A 503 5.05 -5.65 24.52
N GLU A 504 5.31 -5.24 25.75
CA GLU A 504 6.22 -4.10 25.98
C GLU A 504 7.62 -4.32 25.40
N ALA A 505 8.17 -5.52 25.61
CA ALA A 505 9.49 -5.84 25.09
C ALA A 505 9.49 -5.86 23.55
N VAL A 506 8.40 -6.38 22.97
CA VAL A 506 8.26 -6.45 21.54
C VAL A 506 8.16 -5.05 20.92
N ALA A 507 7.40 -4.16 21.56
CA ALA A 507 7.28 -2.76 21.13
C ALA A 507 8.66 -2.07 21.13
N ARG A 508 9.38 -2.23 22.23
CA ARG A 508 10.70 -1.60 22.35
C ARG A 508 11.64 -2.13 21.27
N LEU A 509 11.68 -3.44 21.13
CA LEU A 509 12.61 -4.01 20.17
C LEU A 509 12.25 -3.64 18.71
N ALA A 510 10.97 -3.76 18.35
CA ALA A 510 10.50 -3.41 17.00
C ALA A 510 10.77 -1.95 16.67
N LYS A 511 10.52 -1.04 17.61
CA LYS A 511 10.84 0.37 17.44
C LYS A 511 12.34 0.56 17.11
N GLU A 512 13.21 -0.11 17.84
CA GLU A 512 14.66 0.09 17.66
C GLU A 512 15.11 -0.49 16.31
N VAL A 513 14.56 -1.63 15.93
CA VAL A 513 14.88 -2.26 14.64
C VAL A 513 14.47 -1.32 13.51
N MET A 514 13.27 -0.79 13.59
CA MET A 514 12.76 0.12 12.52
C MET A 514 13.56 1.41 12.45
N GLU A 515 13.88 1.97 13.60
CA GLU A 515 14.64 3.22 13.69
C GLU A 515 16.07 3.08 13.21
N GLY A 516 16.70 1.94 13.46
CA GLY A 516 18.10 1.72 13.08
C GLY A 516 18.29 0.87 11.83
N VAL A 517 17.24 0.72 11.04
CA VAL A 517 17.30 -0.18 9.87
C VAL A 517 18.45 0.19 8.90
N TYR A 518 18.65 1.47 8.64
CA TYR A 518 19.63 1.96 7.66
C TYR A 518 19.82 3.43 7.97
N PRO A 519 20.83 3.76 8.78
CA PRO A 519 20.98 5.13 9.22
C PRO A 519 21.14 6.12 8.05
N LEU A 520 20.51 7.27 8.20
CA LEU A 520 20.52 8.37 7.23
C LEU A 520 21.11 9.60 7.88
N ALA A 521 21.19 10.68 7.10
CA ALA A 521 21.71 11.97 7.53
C ALA A 521 20.84 12.59 8.59
N VAL A 522 19.63 12.07 8.76
CA VAL A 522 18.73 12.45 9.86
C VAL A 522 18.28 11.19 10.59
N PRO A 523 17.83 11.35 11.85
CA PRO A 523 17.33 10.18 12.54
C PRO A 523 15.97 9.78 12.01
N LEU A 524 15.69 8.49 12.01
CA LEU A 524 14.34 7.99 11.80
C LEU A 524 13.72 7.83 13.18
N GLU A 525 12.51 8.35 13.37
CA GLU A 525 11.80 8.20 14.62
C GLU A 525 10.57 7.39 14.31
N VAL A 526 10.21 6.56 15.27
CA VAL A 526 9.07 5.67 15.12
C VAL A 526 8.17 5.89 16.31
N GLU A 527 6.88 6.11 16.04
CA GLU A 527 5.86 6.22 17.04
C GLU A 527 5.30 4.83 17.25
N VAL A 528 5.20 4.41 18.52
CA VAL A 528 4.73 3.05 18.84
C VAL A 528 3.62 3.11 19.88
N GLY A 529 2.60 2.29 19.70
CA GLY A 529 1.53 2.18 20.69
C GLY A 529 1.13 0.73 20.85
N ILE A 530 0.50 0.44 21.98
CA ILE A 530 0.02 -0.88 22.31
C ILE A 530 -1.46 -0.81 22.69
N GLY A 531 -2.24 -1.80 22.24
CA GLY A 531 -3.66 -1.79 22.54
C GLY A 531 -4.39 -3.04 22.09
N GLU A 532 -5.63 -3.15 22.55
CA GLU A 532 -6.50 -4.27 22.20
C GLU A 532 -7.13 -4.16 20.82
N ASP A 533 -7.12 -2.94 20.26
CA ASP A 533 -7.61 -2.69 18.93
C ASP A 533 -6.66 -1.74 18.19
N TRP A 534 -6.75 -1.73 16.87
CA TRP A 534 -5.78 -0.99 16.01
C TRP A 534 -5.85 0.54 16.26
N LEU A 535 -7.04 1.04 16.53
CA LEU A 535 -7.17 2.44 16.83
C LEU A 535 -6.48 2.78 18.15
N SER A 536 -6.73 2.00 19.20
CA SER A 536 -6.17 2.31 20.51
CA SER A 536 -6.16 2.27 20.52
C SER A 536 -4.64 2.15 20.49
N ALA A 537 -4.14 1.25 19.64
CA ALA A 537 -2.71 0.99 19.52
C ALA A 537 -1.91 2.09 18.80
N LYS A 538 -2.58 3.05 18.17
CA LYS A 538 -1.89 4.24 17.61
C LYS A 538 -2.14 5.51 18.40
N GLU A 539 -2.79 5.38 19.56
CA GLU A 539 -3.27 6.52 20.33
C GLU A 539 -2.15 7.43 20.78
N1 DOC B 12 -1.09 6.95 2.44
C2 DOC B 12 -0.70 7.43 1.20
N3 DOC B 12 -1.35 8.46 0.67
C4 DOC B 12 -2.37 9.05 1.28
C5 DOC B 12 -2.77 8.58 2.51
C6 DOC B 12 -2.07 7.51 3.07
O2 DOC B 12 0.22 6.90 0.60
N4 DOC B 12 -2.98 10.07 0.73
C1' DOC B 12 -0.37 5.79 3.00
C2' DOC B 12 0.84 6.23 3.83
C3' DOC B 12 0.31 6.13 5.23
C4' DOC B 12 -0.68 4.99 5.08
O4' DOC B 12 -1.20 5.04 3.81
C5' DOC B 12 -1.81 5.00 6.13
O5' DOC B 12 -2.60 6.17 6.11
P DOC B 12 -3.73 6.37 7.12
OP1 DOC B 12 -3.36 5.90 8.43
OP2 DOC B 12 -4.20 7.67 6.97
P 5FC C 12 -25.75 1.13 -7.56
OP2 5FC C 12 -25.81 -0.36 -7.74
OP1 5FC C 12 -26.90 1.91 -7.02
O5' 5FC C 12 -25.30 1.67 -8.98
N1 5FC C 12 -22.08 1.49 -12.18
C6 5FC C 12 -22.19 0.36 -11.48
C2 5FC C 12 -20.92 1.78 -12.96
O2 5FC C 12 -20.85 2.85 -13.62
N3 5FC C 12 -19.91 0.91 -13.04
C4 5FC C 12 -19.97 -0.26 -12.36
N4 5FC C 12 -18.93 -1.10 -12.47
C5 5FC C 12 -21.17 -0.57 -11.53
C2' 5FC C 12 -24.51 2.08 -12.49
C5' 5FC C 12 -24.99 3.08 -9.08
C4' 5FC C 12 -24.44 3.43 -10.45
O4' 5FC C 12 -23.17 2.86 -10.70
C1' 5FC C 12 -23.13 2.51 -12.09
C3' 5FC C 12 -25.33 2.98 -11.61
O3' 5FC C 12 -25.70 4.18 -12.30
C5A 5FC C 12 -21.33 -1.81 -10.76
O5A 5FC C 12 -20.42 -2.61 -10.83
MG MG D . 4.28 7.87 9.24
MG MG E . 1.61 5.60 8.46
PG DGT F . 3.33 10.73 10.68
O1G DGT F . 3.45 9.24 10.55
O2G DGT F . 1.94 11.23 11.00
O3G DGT F . 4.41 11.41 11.46
O3B DGT F . 3.60 11.32 9.18
PB DGT F . 4.05 10.57 7.84
O1B DGT F . 4.62 11.64 6.98
O2B DGT F . 4.92 9.36 8.04
O3A DGT F . 2.60 10.21 7.21
PA DGT F . 1.89 8.78 7.10
O1A DGT F . 0.43 9.01 7.16
O2A DGT F . 2.43 7.84 8.15
O5' DGT F . 2.26 8.34 5.61
C5' DGT F . 3.51 7.76 5.25
C4' DGT F . 4.06 8.38 3.97
O4' DGT F . 3.20 8.10 2.84
C3' DGT F . 4.22 9.89 4.03
O3' DGT F . 5.48 10.29 4.59
C2' DGT F . 4.12 10.27 2.59
C1' DGT F . 3.16 9.24 1.99
N9 DGT F . 1.88 9.99 2.01
C8 DGT F . 0.92 10.02 2.96
N7 DGT F . -0.06 10.89 2.61
C5 DGT F . 0.29 11.42 1.43
C6 DGT F . -0.26 12.42 0.49
O6 DGT F . -1.35 12.96 0.74
N1 DGT F . 0.42 12.67 -0.64
C2 DGT F . 1.61 12.10 -0.92
N2 DGT F . 2.27 12.40 -2.05
N3 DGT F . 2.18 11.18 -0.10
C4 DGT F . 1.56 10.83 1.05
C1 GOL G . -24.24 7.19 10.98
O1 GOL G . -23.12 8.05 11.28
C2 GOL G . -25.28 7.12 12.12
O2 GOL G . -26.23 8.16 12.13
C3 GOL G . -25.93 5.71 12.15
O3 GOL G . -26.50 5.41 13.42
C1 GOL H . -13.78 -5.08 0.88
O1 GOL H . -13.94 -6.29 0.13
C2 GOL H . -12.35 -4.84 1.37
O2 GOL H . -11.37 -4.84 0.32
C3 GOL H . -12.26 -3.52 2.13
O3 GOL H . -10.91 -3.05 2.25
C1 GOL I . -10.86 -5.10 27.46
O1 GOL I . -10.20 -4.56 28.63
C2 GOL I . -9.84 -6.12 26.98
O2 GOL I . -8.56 -5.51 27.21
C3 GOL I . -9.78 -6.81 25.61
O3 GOL I . -11.01 -7.43 25.21
C1 GOL J . 22.94 0.58 -2.34
O1 GOL J . 22.16 0.79 -1.14
C2 GOL J . 23.94 -0.56 -2.13
O2 GOL J . 23.24 -1.81 -2.20
C3 GOL J . 24.68 -0.43 -0.80
O3 GOL J . 23.79 -0.63 0.30
MG MG K . -9.45 3.86 -11.77
C1 GOL L . 0.41 3.49 -12.37
O1 GOL L . 1.70 2.97 -12.74
C2 GOL L . 0.54 4.96 -11.92
O2 GOL L . 1.50 5.67 -12.72
C3 GOL L . -0.79 5.68 -12.07
O3 GOL L . -0.54 7.08 -12.07
#